data_4K0Y
#
_entry.id   4K0Y
#
_cell.length_a   96.830
_cell.length_b   96.830
_cell.length_c   80.716
_cell.angle_alpha   90.000
_cell.angle_beta   90.000
_cell.angle_gamma   120.000
#
_symmetry.space_group_name_H-M   'P 65'
#
loop_
_entity.id
_entity.type
_entity.pdbx_description
1 polymer 'Serine/threonine-protein kinase pim-1'
2 non-polymer N-(4-fluorophenyl)-7-hydroxy-5-(piperidin-4-yl)pyrazolo[1,5-a]pyrimidine-3-carboxamide
3 non-polymer 'PHOSPHATE ION'
4 water water
#
_entity_poly.entity_id   1
_entity_poly.type   'polypeptide(L)'
_entity_poly.pdbx_seq_one_letter_code
;PLESQYQVGPLLGSGGFGSVYSGIRVSDNLPVAIKHVEKDRISDWGELPNGTRVPMEVVLLKKVSSGFSGVIRLLDWFER
PDSFVLILERPEPVQDLFDFITERGALQEELARSFFWQVLEAVRHCHNCGVLHRDIKDENILIDLNRGELKLIDFGSGAL
LKDTVYTDFDGTRVYSPPEWIRYHRYHGRSAAVWSLGILLYDMVCGDIPFEHDEEIIRGQVFFRQRVSSECQHLIRWCLA
LRPSDRPTFEEIQNHPWMQDVLLPQETAEIHLHS
;
_entity_poly.pdbx_strand_id   A
#
loop_
_chem_comp.id
_chem_comp.type
_chem_comp.name
_chem_comp.formula
1OA non-polymer N-(4-fluorophenyl)-7-hydroxy-5-(piperidin-4-yl)pyrazolo[1,5-a]pyrimidine-3-carboxamide 'C18 H18 F N5 O2'
PO4 non-polymer 'PHOSPHATE ION' 'O4 P -3'
#
# COMPACT_ATOMS: atom_id res chain seq x y z
N PRO A 1 15.21 26.92 5.69
CA PRO A 1 14.64 25.94 6.62
C PRO A 1 13.42 25.27 6.02
N LEU A 2 12.92 24.24 6.71
CA LEU A 2 11.70 23.56 6.29
C LEU A 2 10.52 24.06 7.11
N GLU A 3 10.81 24.63 8.27
CA GLU A 3 9.78 25.20 9.13
C GLU A 3 9.16 26.44 8.48
N SER A 4 9.95 27.13 7.66
CA SER A 4 9.48 28.33 6.97
C SER A 4 8.70 28.02 5.70
N GLN A 5 9.03 26.90 5.04
CA GLN A 5 8.35 26.50 3.82
C GLN A 5 7.00 25.83 4.07
N TYR A 6 6.85 25.24 5.25
CA TYR A 6 5.66 24.48 5.58
C TYR A 6 5.05 24.89 6.91
N GLN A 7 3.73 25.03 6.94
CA GLN A 7 3.04 25.19 8.21
C GLN A 7 2.54 23.82 8.66
N VAL A 8 3.00 23.39 9.84
CA VAL A 8 2.69 22.06 10.34
C VAL A 8 1.31 22.02 10.97
N GLY A 9 0.54 20.99 10.66
CA GLY A 9 -0.76 20.81 11.26
C GLY A 9 -0.78 19.66 12.25
N PRO A 10 -1.94 19.02 12.41
CA PRO A 10 -2.12 17.92 13.36
C PRO A 10 -1.33 16.67 12.97
N LEU A 11 -0.98 15.89 13.98
CA LEU A 11 -0.41 14.58 13.78
C LEU A 11 -1.43 13.65 13.13
N LEU A 12 -1.07 13.05 11.99
CA LEU A 12 -1.98 12.12 11.32
C LEU A 12 -1.85 10.69 11.84
N GLY A 13 -0.66 10.30 12.28
CA GLY A 13 -0.43 8.97 12.82
C GLY A 13 1.04 8.77 13.13
N SER A 14 1.33 7.75 13.93
CA SER A 14 2.71 7.40 14.24
C SER A 14 2.82 5.91 14.49
N GLY A 15 4.02 5.36 14.31
CA GLY A 15 4.22 3.94 14.46
C GLY A 15 5.60 3.52 13.97
N GLY A 16 5.69 2.29 13.48
CA GLY A 16 6.92 1.74 12.92
C GLY A 16 7.51 2.57 11.80
N PHE A 17 6.63 3.22 11.04
CA PHE A 17 7.04 4.09 9.92
C PHE A 17 7.59 5.44 10.38
N GLY A 18 7.23 5.88 11.59
CA GLY A 18 7.68 7.16 12.10
C GLY A 18 6.51 8.01 12.56
N SER A 19 6.59 9.33 12.38
CA SER A 19 5.48 10.22 12.70
C SER A 19 5.13 11.09 11.52
N VAL A 20 3.85 11.11 11.16
CA VAL A 20 3.40 11.86 9.99
C VAL A 20 2.40 12.93 10.37
N TYR A 21 2.66 14.16 9.93
CA TYR A 21 1.80 15.31 10.22
C TYR A 21 1.14 15.83 8.97
N SER A 22 -0.06 16.38 9.14
CA SER A 22 -0.70 17.16 8.08
C SER A 22 0.04 18.48 7.97
N GLY A 23 0.14 19.01 6.76
CA GLY A 23 0.85 20.25 6.59
C GLY A 23 0.33 21.03 5.40
N ILE A 24 0.82 22.25 5.27
CA ILE A 24 0.48 23.13 4.16
C ILE A 24 1.76 23.73 3.62
N ARG A 25 1.96 23.67 2.31
CA ARG A 25 3.10 24.36 1.71
C ARG A 25 2.77 25.84 1.65
N VAL A 26 3.60 26.66 2.29
CA VAL A 26 3.29 28.07 2.51
C VAL A 26 3.13 28.86 1.22
N SER A 27 4.00 28.61 0.24
CA SER A 27 4.01 29.36 -1.01
C SER A 27 2.69 29.31 -1.78
N ASP A 28 2.04 28.15 -1.81
CA ASP A 28 0.82 28.00 -2.60
C ASP A 28 -0.34 27.33 -1.87
N ASN A 29 -0.22 27.16 -0.57
CA ASN A 29 -1.23 26.45 0.22
C ASN A 29 -1.50 25.01 -0.25
N LEU A 30 -0.51 24.37 -0.87
CA LEU A 30 -0.65 22.96 -1.24
C LEU A 30 -0.75 22.14 0.04
N PRO A 31 -1.73 21.22 0.09
CA PRO A 31 -1.80 20.29 1.21
C PRO A 31 -0.68 19.27 1.11
N VAL A 32 0.06 19.04 2.21
CA VAL A 32 1.12 18.03 2.20
C VAL A 32 1.04 17.13 3.43
N ALA A 33 1.79 16.03 3.39
CA ALA A 33 2.00 15.23 4.60
C ALA A 33 3.47 15.34 4.91
N ILE A 34 3.79 15.53 6.18
CA ILE A 34 5.17 15.72 6.60
C ILE A 34 5.60 14.52 7.43
N LYS A 35 6.54 13.74 6.91
CA LYS A 35 6.88 12.48 7.57
C LYS A 35 8.27 12.49 8.17
N HIS A 36 8.34 12.27 9.47
CA HIS A 36 9.60 12.25 10.18
C HIS A 36 10.01 10.81 10.44
N VAL A 37 11.21 10.44 9.99
CA VAL A 37 11.73 9.11 10.27
CA VAL A 37 11.76 9.11 10.23
C VAL A 37 13.08 9.21 10.99
N GLU A 38 13.16 8.60 12.17
CA GLU A 38 14.38 8.64 12.97
C GLU A 38 15.54 7.86 12.32
N LYS A 39 16.72 8.49 12.26
CA LYS A 39 17.90 7.84 11.68
C LYS A 39 18.22 6.50 12.34
N ASP A 40 18.05 6.45 13.67
CA ASP A 40 18.37 5.25 14.42
C ASP A 40 17.42 4.10 14.08
N ARG A 41 16.31 4.41 13.41
CA ARG A 41 15.31 3.40 13.09
C ARG A 41 15.39 2.95 11.64
N ILE A 42 16.31 3.53 10.89
CA ILE A 42 16.49 3.18 9.48
C ILE A 42 17.55 2.09 9.31
N SER A 43 17.18 0.95 8.74
CA SER A 43 18.14 -0.11 8.50
C SER A 43 18.49 -0.19 7.01
N ASP A 44 17.50 0.07 6.17
CA ASP A 44 17.72 0.04 4.72
C ASP A 44 18.21 1.40 4.22
N TRP A 45 19.49 1.44 3.84
CA TRP A 45 20.06 2.67 3.34
C TRP A 45 20.31 2.57 1.85
N GLY A 46 20.10 3.67 1.15
CA GLY A 46 20.22 3.68 -0.29
C GLY A 46 21.08 4.84 -0.76
N GLU A 47 21.41 4.82 -2.04
CA GLU A 47 22.26 5.83 -2.61
C GLU A 47 21.53 6.59 -3.70
N LEU A 48 21.62 7.92 -3.63
CA LEU A 48 21.02 8.78 -4.64
C LEU A 48 21.89 8.82 -5.88
N PRO A 49 21.28 9.12 -7.04
CA PRO A 49 22.04 9.29 -8.28
C PRO A 49 23.22 10.24 -8.13
N ASN A 50 23.05 11.29 -7.32
CA ASN A 50 24.13 12.24 -7.09
C ASN A 50 25.15 11.73 -6.07
N GLY A 51 24.91 10.53 -5.55
CA GLY A 51 25.83 9.90 -4.61
C GLY A 51 25.67 10.37 -3.18
N THR A 52 24.45 10.32 -2.65
CA THR A 52 24.19 10.74 -1.27
C THR A 52 23.61 9.59 -0.46
N ARG A 53 24.08 9.45 0.79
CA ARG A 53 23.54 8.44 1.70
C ARG A 53 22.15 8.86 2.16
N VAL A 54 21.15 8.07 1.81
CA VAL A 54 19.76 8.45 2.02
C VAL A 54 18.96 7.18 2.36
N PRO A 55 17.86 7.32 3.11
CA PRO A 55 17.04 6.14 3.38
C PRO A 55 16.55 5.50 2.08
N MET A 56 16.52 4.17 2.04
CA MET A 56 16.02 3.46 0.88
C MET A 56 14.63 3.96 0.50
N GLU A 57 13.83 4.27 1.51
CA GLU A 57 12.49 4.78 1.32
C GLU A 57 12.48 5.96 0.36
N VAL A 58 13.49 6.82 0.49
CA VAL A 58 13.61 7.99 -0.37
C VAL A 58 13.94 7.57 -1.80
N VAL A 59 14.86 6.60 -1.93
CA VAL A 59 15.24 6.11 -3.25
C VAL A 59 14.03 5.53 -3.96
N LEU A 60 13.23 4.76 -3.21
CA LEU A 60 12.07 4.09 -3.77
C LEU A 60 11.00 5.09 -4.20
N LEU A 61 10.76 6.08 -3.34
CA LEU A 61 9.80 7.13 -3.64
C LEU A 61 10.16 7.88 -4.92
N LYS A 62 11.43 8.25 -5.08
CA LYS A 62 11.79 8.99 -6.29
C LYS A 62 11.62 8.14 -7.56
N LYS A 63 11.90 6.84 -7.45
CA LYS A 63 11.78 5.94 -8.59
C LYS A 63 10.33 5.80 -9.06
N VAL A 64 9.42 6.09 -8.15
CA VAL A 64 8.03 5.80 -8.33
C VAL A 64 7.23 7.10 -8.55
N SER A 65 7.79 8.21 -8.10
CA SER A 65 7.01 9.42 -7.97
C SER A 65 6.90 10.32 -9.18
N SER A 66 6.42 9.77 -10.26
CA SER A 66 6.19 10.57 -11.43
C SER A 66 4.86 10.37 -12.12
N GLY A 67 4.03 11.40 -12.09
CA GLY A 67 2.82 11.48 -12.88
C GLY A 67 1.59 10.67 -12.53
N PHE A 68 1.74 9.37 -12.47
CA PHE A 68 0.61 8.55 -12.17
C PHE A 68 0.33 8.70 -10.72
N SER A 69 -0.91 9.00 -10.46
CA SER A 69 -1.38 9.39 -9.14
C SER A 69 -1.88 8.23 -8.26
N GLY A 70 -1.48 7.00 -8.58
CA GLY A 70 -1.87 5.85 -7.77
C GLY A 70 -0.93 5.61 -6.60
N VAL A 71 0.19 6.32 -6.61
CA VAL A 71 1.15 6.25 -5.52
C VAL A 71 1.36 7.67 -5.01
N ILE A 72 1.45 7.82 -3.69
CA ILE A 72 1.66 9.14 -3.11
C ILE A 72 3.05 9.66 -3.47
N ARG A 73 3.10 10.83 -4.08
CA ARG A 73 4.34 11.40 -4.59
C ARG A 73 5.16 12.18 -3.56
N LEU A 74 6.48 11.92 -3.56
CA LEU A 74 7.43 12.65 -2.72
C LEU A 74 7.73 13.99 -3.36
N LEU A 75 7.47 15.06 -2.63
CA LEU A 75 7.66 16.42 -3.18
C LEU A 75 9.03 16.98 -2.84
N ASP A 76 9.56 16.58 -1.68
CA ASP A 76 10.86 17.08 -1.25
C ASP A 76 11.28 16.31 0.01
N TRP A 77 12.51 16.53 0.45
CA TRP A 77 12.98 15.87 1.66
C TRP A 77 14.12 16.67 2.26
N PHE A 78 14.37 16.46 3.55
CA PHE A 78 15.38 17.21 4.28
C PHE A 78 16.06 16.27 5.24
N GLU A 79 17.35 16.47 5.46
CA GLU A 79 18.05 15.72 6.49
C GLU A 79 18.23 16.59 7.72
N ARG A 80 17.94 16.02 8.88
CA ARG A 80 18.15 16.67 10.16
C ARG A 80 19.20 15.85 10.91
N PRO A 81 19.73 16.37 12.03
CA PRO A 81 20.71 15.62 12.83
C PRO A 81 20.33 14.17 13.11
N ASP A 82 19.12 13.92 13.59
CA ASP A 82 18.75 12.58 14.02
C ASP A 82 17.60 11.98 13.21
N SER A 83 17.22 12.64 12.14
CA SER A 83 16.07 12.19 11.36
C SER A 83 16.10 12.72 9.94
N PHE A 84 15.26 12.11 9.10
CA PHE A 84 14.93 12.67 7.80
C PHE A 84 13.47 13.12 7.84
N VAL A 85 13.17 14.18 7.10
CA VAL A 85 11.81 14.65 6.95
C VAL A 85 11.43 14.57 5.48
N LEU A 86 10.33 13.90 5.18
CA LEU A 86 9.84 13.72 3.82
C LEU A 86 8.58 14.57 3.65
N ILE A 87 8.52 15.30 2.55
CA ILE A 87 7.31 16.06 2.23
C ILE A 87 6.55 15.33 1.14
N LEU A 88 5.32 14.99 1.44
CA LEU A 88 4.52 14.20 0.53
C LEU A 88 3.23 14.89 0.18
N GLU A 89 2.73 14.60 -0.99
CA GLU A 89 1.48 15.17 -1.43
C GLU A 89 0.37 14.65 -0.55
N ARG A 90 -0.65 15.44 -0.32
CA ARG A 90 -1.76 14.97 0.46
C ARG A 90 -3.09 15.29 -0.16
N PRO A 91 -3.87 14.27 -0.46
CA PRO A 91 -5.22 14.49 -0.96
C PRO A 91 -6.15 14.96 0.15
N GLU A 92 -7.23 15.62 -0.23
CA GLU A 92 -8.13 16.22 0.74
C GLU A 92 -9.44 16.48 0.06
N PRO A 93 -10.53 15.93 0.54
CA PRO A 93 -10.51 15.12 1.73
C PRO A 93 -10.11 13.73 1.41
N VAL A 94 -9.73 13.05 2.45
CA VAL A 94 -9.12 11.73 2.31
C VAL A 94 -9.50 10.91 3.54
N GLN A 95 -9.53 9.59 3.38
CA GLN A 95 -9.65 8.69 4.52
C GLN A 95 -8.90 7.45 4.12
N ASP A 96 -8.13 6.85 5.04
CA ASP A 96 -7.48 5.59 4.69
C ASP A 96 -8.48 4.45 4.60
N LEU A 97 -8.06 3.37 3.92
CA LEU A 97 -8.98 2.29 3.62
C LEU A 97 -9.32 1.52 4.88
N PHE A 98 -8.38 1.46 5.82
CA PHE A 98 -8.64 0.76 7.07
C PHE A 98 -9.81 1.40 7.81
N ASP A 99 -9.77 2.71 7.94
CA ASP A 99 -10.84 3.45 8.59
C ASP A 99 -12.15 3.34 7.81
N PHE A 100 -12.04 3.39 6.49
CA PHE A 100 -13.19 3.35 5.60
C PHE A 100 -13.93 2.05 5.82
N ILE A 101 -13.20 0.94 5.83
CA ILE A 101 -13.79 -0.39 6.03
C ILE A 101 -14.34 -0.52 7.44
N THR A 102 -13.61 0.04 8.40
CA THR A 102 -14.04 0.00 9.78
C THR A 102 -15.41 0.66 9.92
N GLU A 103 -15.55 1.86 9.37
CA GLU A 103 -16.81 2.63 9.41
C GLU A 103 -17.95 1.95 8.65
N ARG A 104 -17.65 1.52 7.44
CA ARG A 104 -18.68 1.03 6.52
C ARG A 104 -18.92 -0.48 6.62
N GLY A 105 -17.98 -1.21 7.20
CA GLY A 105 -18.08 -2.66 7.20
C GLY A 105 -17.65 -3.20 5.85
N ALA A 106 -17.98 -4.46 5.58
CA ALA A 106 -17.59 -5.12 4.34
C ALA A 106 -18.09 -4.35 3.13
N LEU A 107 -17.25 -4.19 2.11
CA LEU A 107 -17.62 -3.37 0.96
C LEU A 107 -18.45 -4.12 -0.07
N GLN A 108 -19.45 -3.46 -0.65
CA GLN A 108 -20.19 -4.04 -1.79
C GLN A 108 -19.18 -4.40 -2.87
N GLU A 109 -19.43 -5.49 -3.59
CA GLU A 109 -18.40 -5.98 -4.51
C GLU A 109 -18.07 -5.02 -5.64
N GLU A 110 -19.04 -4.22 -6.07
CA GLU A 110 -18.77 -3.25 -7.11
C GLU A 110 -17.72 -2.25 -6.60
N LEU A 111 -17.85 -1.84 -5.35
CA LEU A 111 -16.88 -0.93 -4.74
C LEU A 111 -15.55 -1.65 -4.52
N ALA A 112 -15.61 -2.86 -3.99
CA ALA A 112 -14.39 -3.62 -3.78
C ALA A 112 -13.63 -3.78 -5.10
N ARG A 113 -14.38 -4.03 -6.17
CA ARG A 113 -13.77 -4.24 -7.49
C ARG A 113 -12.99 -3.00 -7.96
N SER A 114 -13.62 -1.84 -7.83
CA SER A 114 -12.98 -0.60 -8.25
C SER A 114 -11.71 -0.32 -7.44
N PHE A 115 -11.83 -0.44 -6.12
CA PHE A 115 -10.71 -0.19 -5.22
C PHE A 115 -9.56 -1.17 -5.47
N PHE A 116 -9.91 -2.44 -5.61
CA PHE A 116 -8.89 -3.48 -5.80
C PHE A 116 -8.15 -3.26 -7.13
N TRP A 117 -8.90 -2.99 -8.18
CA TRP A 117 -8.34 -2.68 -9.48
C TRP A 117 -7.34 -1.52 -9.38
N GLN A 118 -7.74 -0.46 -8.70
CA GLN A 118 -6.84 0.67 -8.55
C GLN A 118 -5.60 0.28 -7.76
N VAL A 119 -5.76 -0.57 -6.75
CA VAL A 119 -4.57 -0.99 -6.00
C VAL A 119 -3.65 -1.78 -6.92
N LEU A 120 -4.24 -2.66 -7.73
CA LEU A 120 -3.44 -3.43 -8.69
C LEU A 120 -2.67 -2.55 -9.68
N GLU A 121 -3.33 -1.52 -10.22
CA GLU A 121 -2.67 -0.58 -11.13
C GLU A 121 -1.50 0.13 -10.44
N ALA A 122 -1.70 0.51 -9.17
CA ALA A 122 -0.65 1.18 -8.39
C ALA A 122 0.55 0.24 -8.14
N VAL A 123 0.27 -1.00 -7.76
CA VAL A 123 1.35 -1.96 -7.49
C VAL A 123 2.09 -2.28 -8.78
N ARG A 124 1.38 -2.40 -9.87
CA ARG A 124 1.97 -2.65 -11.17
C ARG A 124 2.86 -1.52 -11.54
N HIS A 125 2.42 -0.30 -11.26
CA HIS A 125 3.28 0.86 -11.47
C HIS A 125 4.58 0.77 -10.67
N CYS A 126 4.48 0.44 -9.40
CA CYS A 126 5.68 0.30 -8.57
C CYS A 126 6.63 -0.71 -9.20
N HIS A 127 6.12 -1.91 -9.49
CA HIS A 127 6.97 -2.96 -10.08
C HIS A 127 7.63 -2.51 -11.38
N ASN A 128 6.92 -1.71 -12.16
CA ASN A 128 7.45 -1.17 -13.41
C ASN A 128 8.61 -0.22 -13.19
N CYS A 129 8.58 0.47 -12.06
CA CYS A 129 9.63 1.40 -11.71
C CYS A 129 10.75 0.72 -10.91
N GLY A 130 10.67 -0.61 -10.79
CA GLY A 130 11.69 -1.39 -10.10
C GLY A 130 11.58 -1.33 -8.58
N VAL A 131 10.36 -1.08 -8.09
CA VAL A 131 10.14 -0.94 -6.65
C VAL A 131 9.15 -1.97 -6.14
N LEU A 132 9.53 -2.68 -5.07
CA LEU A 132 8.63 -3.60 -4.37
C LEU A 132 8.17 -2.97 -3.05
N HIS A 133 6.86 -2.87 -2.84
CA HIS A 133 6.33 -2.16 -1.66
C HIS A 133 6.52 -2.95 -0.34
N ARG A 134 6.14 -4.24 -0.37
CA ARG A 134 6.29 -5.15 0.78
C ARG A 134 5.40 -4.90 2.00
N ASP A 135 4.45 -3.97 1.91
CA ASP A 135 3.54 -3.74 3.01
C ASP A 135 2.16 -3.31 2.51
N ILE A 136 1.72 -3.92 1.42
CA ILE A 136 0.38 -3.63 0.90
C ILE A 136 -0.68 -4.02 1.94
N LYS A 137 -1.50 -3.06 2.35
CA LYS A 137 -2.57 -3.34 3.31
C LYS A 137 -3.48 -2.13 3.38
N ASP A 138 -4.65 -2.32 3.97
CA ASP A 138 -5.64 -1.26 4.05
C ASP A 138 -5.11 0.05 4.68
N GLU A 139 -4.27 -0.04 5.71
CA GLU A 139 -3.74 1.17 6.34
C GLU A 139 -2.81 1.98 5.44
N ASN A 140 -2.27 1.33 4.40
CA ASN A 140 -1.32 2.00 3.51
C ASN A 140 -1.93 2.40 2.19
N ILE A 141 -3.24 2.51 2.21
CA ILE A 141 -3.98 2.94 1.02
C ILE A 141 -4.90 4.10 1.42
N LEU A 142 -4.72 5.24 0.78
CA LEU A 142 -5.60 6.39 0.97
C LEU A 142 -6.66 6.48 -0.10
N ILE A 143 -7.85 6.90 0.31
CA ILE A 143 -8.96 7.16 -0.61
C ILE A 143 -9.21 8.65 -0.75
N ASP A 144 -9.03 9.17 -1.96
CA ASP A 144 -9.43 10.53 -2.29
C ASP A 144 -10.94 10.48 -2.40
N LEU A 145 -11.63 11.01 -1.39
CA LEU A 145 -13.08 10.89 -1.30
C LEU A 145 -13.85 11.67 -2.37
N ASN A 146 -13.22 12.68 -2.96
CA ASN A 146 -13.88 13.45 -4.01
C ASN A 146 -13.77 12.79 -5.38
N ARG A 147 -12.57 12.31 -5.70
CA ARG A 147 -12.28 11.75 -7.03
C ARG A 147 -12.42 10.22 -7.12
N GLY A 148 -12.59 9.55 -5.98
CA GLY A 148 -12.69 8.11 -5.96
C GLY A 148 -11.37 7.43 -6.31
N GLU A 149 -10.27 8.14 -6.13
CA GLU A 149 -8.94 7.61 -6.50
C GLU A 149 -8.17 7.15 -5.26
N LEU A 150 -7.57 5.97 -5.35
CA LEU A 150 -6.82 5.41 -4.23
C LEU A 150 -5.33 5.66 -4.43
N LYS A 151 -4.61 5.81 -3.32
CA LYS A 151 -3.20 6.07 -3.33
C LYS A 151 -2.40 5.22 -2.37
N LEU A 152 -1.33 4.65 -2.86
CA LEU A 152 -0.50 3.76 -2.06
C LEU A 152 0.53 4.60 -1.33
N ILE A 153 0.61 4.42 -0.02
CA ILE A 153 1.59 5.14 0.79
C ILE A 153 2.53 4.21 1.57
N ASP A 154 3.54 4.83 2.17
CA ASP A 154 4.51 4.17 3.04
C ASP A 154 5.41 3.09 2.40
N PHE A 155 6.51 3.54 1.82
CA PHE A 155 7.49 2.65 1.21
C PHE A 155 8.65 2.31 2.16
N GLY A 156 8.44 2.55 3.45
CA GLY A 156 9.49 2.36 4.43
C GLY A 156 9.88 0.91 4.71
N SER A 157 9.11 -0.04 4.18
CA SER A 157 9.46 -1.46 4.31
C SER A 157 9.84 -2.01 2.95
N GLY A 158 9.88 -1.14 1.95
CA GLY A 158 10.05 -1.55 0.56
C GLY A 158 11.46 -1.95 0.19
N ALA A 159 11.65 -2.35 -1.07
CA ALA A 159 12.96 -2.73 -1.56
C ALA A 159 13.00 -2.52 -3.06
N LEU A 160 14.20 -2.45 -3.63
CA LEU A 160 14.34 -2.53 -5.07
C LEU A 160 13.78 -3.87 -5.49
N LEU A 161 13.03 -3.89 -6.60
CA LEU A 161 12.52 -5.15 -7.12
C LEU A 161 13.68 -5.95 -7.73
N LYS A 162 13.69 -7.26 -7.45
CA LYS A 162 14.68 -8.16 -8.04
C LYS A 162 14.04 -9.52 -8.26
N ASP A 163 14.71 -10.37 -9.05
CA ASP A 163 14.15 -11.67 -9.44
C ASP A 163 14.62 -12.83 -8.57
N THR A 164 15.56 -12.56 -7.69
CA THR A 164 16.09 -13.55 -6.76
C THR A 164 15.36 -13.48 -5.40
N VAL A 165 15.71 -14.36 -4.45
CA VAL A 165 14.98 -14.47 -3.20
C VAL A 165 15.20 -13.31 -2.26
N TYR A 166 14.17 -12.96 -1.50
CA TYR A 166 14.31 -12.05 -0.37
C TYR A 166 14.34 -12.91 0.88
N THR A 167 15.21 -12.57 1.82
CA THR A 167 15.32 -13.32 3.08
C THR A 167 15.18 -12.37 4.25
N ASP A 168 14.82 -11.13 3.95
CA ASP A 168 14.48 -10.18 4.98
C ASP A 168 13.05 -9.69 4.74
N PHE A 169 12.35 -9.38 5.82
CA PHE A 169 10.99 -8.85 5.73
C PHE A 169 10.62 -8.10 7.00
N ASP A 170 10.11 -6.88 6.84
CA ASP A 170 9.72 -6.08 8.00
C ASP A 170 8.37 -5.43 7.73
N GLY A 171 7.58 -6.04 6.86
CA GLY A 171 6.24 -5.55 6.62
C GLY A 171 5.29 -6.11 7.67
N THR A 172 4.01 -6.19 7.33
CA THR A 172 2.99 -6.59 8.28
C THR A 172 2.81 -8.12 8.21
N ARG A 173 3.02 -8.78 9.36
CA ARG A 173 3.08 -10.25 9.38
C ARG A 173 1.80 -10.93 8.93
N VAL A 174 0.64 -10.38 9.30
CA VAL A 174 -0.62 -11.02 8.93
C VAL A 174 -0.93 -10.90 7.45
N TYR A 175 -0.10 -10.14 6.72
CA TYR A 175 -0.23 -10.04 5.26
C TYR A 175 0.89 -10.79 4.58
N SER A 176 1.75 -11.43 5.37
CA SER A 176 2.94 -12.08 4.81
C SER A 176 2.66 -13.53 4.44
N PRO A 177 3.34 -14.02 3.41
CA PRO A 177 2.98 -15.31 2.83
C PRO A 177 3.54 -16.49 3.61
N PRO A 178 2.94 -17.67 3.43
CA PRO A 178 3.34 -18.87 4.17
C PRO A 178 4.81 -19.24 3.95
N GLU A 179 5.36 -18.95 2.78
CA GLU A 179 6.77 -19.23 2.55
C GLU A 179 7.67 -18.35 3.43
N TRP A 180 7.23 -17.14 3.74
CA TRP A 180 7.97 -16.30 4.68
C TRP A 180 7.89 -16.89 6.09
N ILE A 181 6.67 -17.19 6.52
CA ILE A 181 6.44 -17.81 7.83
C ILE A 181 7.26 -19.09 8.02
N ARG A 182 7.22 -19.97 7.02
CA ARG A 182 7.84 -21.28 7.14
C ARG A 182 9.35 -21.27 6.88
N TYR A 183 9.79 -20.53 5.87
CA TYR A 183 11.17 -20.68 5.40
C TYR A 183 11.99 -19.41 5.46
N HIS A 184 11.36 -18.29 5.82
CA HIS A 184 12.03 -17.00 5.81
C HIS A 184 12.61 -16.71 4.43
N ARG A 185 11.86 -17.04 3.41
CA ARG A 185 12.16 -16.56 2.09
C ARG A 185 10.95 -16.49 1.16
N TYR A 186 10.98 -15.53 0.26
CA TYR A 186 9.88 -15.30 -0.67
C TYR A 186 10.43 -14.59 -1.89
N HIS A 187 9.69 -14.63 -2.99
CA HIS A 187 10.01 -13.81 -4.14
C HIS A 187 9.01 -12.68 -4.20
N GLY A 188 9.43 -11.56 -4.79
CA GLY A 188 8.68 -10.31 -4.69
C GLY A 188 7.26 -10.33 -5.20
N ARG A 189 7.09 -10.66 -6.48
CA ARG A 189 5.77 -10.57 -7.10
C ARG A 189 4.79 -11.55 -6.46
N SER A 190 5.21 -12.80 -6.25
CA SER A 190 4.31 -13.80 -5.69
C SER A 190 3.92 -13.49 -4.23
N ALA A 191 4.85 -12.91 -3.47
CA ALA A 191 4.52 -12.44 -2.12
C ALA A 191 3.55 -11.27 -2.19
N ALA A 192 3.74 -10.40 -3.17
CA ALA A 192 2.85 -9.25 -3.34
C ALA A 192 1.43 -9.74 -3.62
N VAL A 193 1.32 -10.76 -4.47
CA VAL A 193 0.00 -11.29 -4.84
C VAL A 193 -0.70 -11.89 -3.60
N TRP A 194 0.06 -12.57 -2.76
CA TRP A 194 -0.51 -13.10 -1.53
C TRP A 194 -1.10 -11.95 -0.70
N SER A 195 -0.32 -10.89 -0.49
CA SER A 195 -0.81 -9.74 0.28
C SER A 195 -2.05 -9.13 -0.37
N LEU A 196 -2.11 -9.18 -1.69
CA LEU A 196 -3.29 -8.67 -2.40
C LEU A 196 -4.53 -9.52 -2.11
N GLY A 197 -4.34 -10.83 -2.02
CA GLY A 197 -5.42 -11.72 -1.60
C GLY A 197 -5.95 -11.41 -0.20
N ILE A 198 -5.05 -11.15 0.74
CA ILE A 198 -5.44 -10.74 2.09
C ILE A 198 -6.22 -9.44 2.01
N LEU A 199 -5.72 -8.50 1.21
CA LEU A 199 -6.38 -7.20 1.08
C LEU A 199 -7.80 -7.31 0.51
N LEU A 200 -7.95 -8.17 -0.48
CA LEU A 200 -9.26 -8.32 -1.14
C LEU A 200 -10.25 -9.00 -0.20
N TYR A 201 -9.80 -10.05 0.48
CA TYR A 201 -10.61 -10.68 1.52
C TYR A 201 -11.11 -9.62 2.52
N ASP A 202 -10.17 -8.82 3.03
CA ASP A 202 -10.48 -7.76 4.00
C ASP A 202 -11.56 -6.81 3.46
N MET A 203 -11.44 -6.44 2.20
CA MET A 203 -12.38 -5.49 1.61
C MET A 203 -13.80 -6.07 1.60
N VAL A 204 -13.93 -7.31 1.15
CA VAL A 204 -15.26 -7.91 1.00
C VAL A 204 -15.79 -8.61 2.24
N CYS A 205 -14.94 -8.86 3.24
CA CYS A 205 -15.41 -9.49 4.47
C CYS A 205 -15.35 -8.58 5.69
N GLY A 206 -14.58 -7.50 5.61
CA GLY A 206 -14.56 -6.52 6.68
C GLY A 206 -13.50 -6.84 7.72
N ASP A 207 -12.77 -7.93 7.48
CA ASP A 207 -11.66 -8.28 8.36
C ASP A 207 -10.68 -9.17 7.60
N ILE A 208 -9.46 -9.32 8.11
CA ILE A 208 -8.45 -10.17 7.48
C ILE A 208 -8.75 -11.64 7.76
N PRO A 209 -8.31 -12.55 6.87
CA PRO A 209 -8.69 -13.96 7.01
C PRO A 209 -7.87 -14.73 8.04
N PHE A 210 -6.61 -14.37 8.25
CA PHE A 210 -5.75 -15.12 9.16
C PHE A 210 -5.21 -14.22 10.27
N GLU A 211 -5.10 -14.76 11.47
CA GLU A 211 -4.51 -14.02 12.58
C GLU A 211 -3.16 -14.64 12.99
N HIS A 212 -3.14 -15.96 13.10
CA HIS A 212 -1.97 -16.66 13.64
C HIS A 212 -1.16 -17.34 12.55
N ASP A 213 0.13 -17.50 12.81
CA ASP A 213 1.05 -18.18 11.91
C ASP A 213 0.50 -19.50 11.35
N GLU A 214 -0.10 -20.30 12.21
CA GLU A 214 -0.54 -21.62 11.80
C GLU A 214 -1.74 -21.54 10.84
N GLU A 215 -2.53 -20.48 10.99
CA GLU A 215 -3.63 -20.22 10.06
C GLU A 215 -3.10 -19.81 8.68
N ILE A 216 -2.06 -18.98 8.67
CA ILE A 216 -1.41 -18.58 7.40
C ILE A 216 -0.85 -19.79 6.67
N ILE A 217 -0.17 -20.64 7.42
CA ILE A 217 0.46 -21.84 6.85
C ILE A 217 -0.57 -22.84 6.36
N ARG A 218 -1.68 -22.98 7.09
CA ARG A 218 -2.73 -23.89 6.64
C ARG A 218 -3.43 -23.32 5.40
N GLY A 219 -3.57 -21.99 5.36
CA GLY A 219 -4.10 -21.30 4.20
C GLY A 219 -5.55 -21.63 3.84
N GLN A 220 -6.36 -22.02 4.82
CA GLN A 220 -7.75 -22.37 4.55
C GLN A 220 -8.62 -21.13 4.73
N VAL A 221 -9.28 -20.73 3.66
CA VAL A 221 -10.08 -19.51 3.70
C VAL A 221 -11.53 -19.86 4.00
N PHE A 222 -12.10 -19.18 5.00
CA PHE A 222 -13.52 -19.27 5.31
C PHE A 222 -14.15 -17.91 5.10
N PHE A 223 -15.28 -17.86 4.41
CA PHE A 223 -16.00 -16.60 4.22
C PHE A 223 -17.08 -16.35 5.26
N ARG A 224 -16.98 -15.23 5.95
CA ARG A 224 -17.85 -14.89 7.07
C ARG A 224 -19.00 -14.00 6.61
N GLN A 225 -18.84 -13.49 5.39
CA GLN A 225 -19.85 -12.65 4.77
C GLN A 225 -20.23 -13.29 3.43
N ARG A 226 -21.39 -12.93 2.91
CA ARG A 226 -21.80 -13.39 1.58
C ARG A 226 -20.86 -12.76 0.56
N VAL A 227 -20.15 -13.60 -0.17
CA VAL A 227 -19.21 -13.16 -1.21
C VAL A 227 -19.45 -14.03 -2.45
N SER A 228 -19.49 -13.41 -3.62
CA SER A 228 -19.77 -14.14 -4.86
C SER A 228 -18.74 -15.22 -5.14
N SER A 229 -19.15 -16.21 -5.92
CA SER A 229 -18.30 -17.32 -6.23
C SER A 229 -17.07 -16.91 -7.02
N GLU A 230 -17.25 -15.95 -7.94
CA GLU A 230 -16.12 -15.46 -8.73
C GLU A 230 -15.11 -14.79 -7.79
N CYS A 231 -15.61 -13.95 -6.89
CA CYS A 231 -14.71 -13.27 -5.97
C CYS A 231 -13.99 -14.25 -5.03
N GLN A 232 -14.71 -15.24 -4.49
CA GLN A 232 -14.10 -16.26 -3.63
C GLN A 232 -12.99 -16.98 -4.38
N HIS A 233 -13.27 -17.34 -5.63
CA HIS A 233 -12.26 -18.04 -6.45
C HIS A 233 -10.99 -17.23 -6.59
N LEU A 234 -11.14 -15.95 -6.93
CA LEU A 234 -9.98 -15.08 -7.13
C LEU A 234 -9.17 -14.95 -5.84
N ILE A 235 -9.86 -14.80 -4.71
CA ILE A 235 -9.20 -14.69 -3.42
C ILE A 235 -8.42 -15.96 -3.12
N ARG A 236 -9.07 -17.10 -3.28
CA ARG A 236 -8.39 -18.37 -2.95
C ARG A 236 -7.21 -18.64 -3.90
N TRP A 237 -7.29 -18.09 -5.10
CA TRP A 237 -6.21 -18.19 -6.08
C TRP A 237 -5.00 -17.33 -5.67
N CYS A 238 -5.25 -16.10 -5.22
CA CYS A 238 -4.15 -15.25 -4.73
C CYS A 238 -3.52 -15.84 -3.48
N LEU A 239 -4.32 -16.56 -2.70
CA LEU A 239 -3.86 -17.14 -1.45
C LEU A 239 -3.47 -18.61 -1.59
N ALA A 240 -3.06 -19.01 -2.79
CA ALA A 240 -2.53 -20.36 -2.96
C ALA A 240 -1.29 -20.56 -2.10
N LEU A 241 -1.19 -21.73 -1.44
CA LEU A 241 -0.05 -22.01 -0.58
C LEU A 241 1.29 -21.97 -1.34
N ARG A 242 1.36 -22.67 -2.46
CA ARG A 242 2.56 -22.62 -3.30
C ARG A 242 2.58 -21.34 -4.13
N PRO A 243 3.65 -20.54 -3.99
CA PRO A 243 3.79 -19.27 -4.73
C PRO A 243 3.55 -19.44 -6.23
N SER A 244 4.03 -20.54 -6.79
CA SER A 244 3.88 -20.77 -8.22
C SER A 244 2.42 -21.06 -8.61
N ASP A 245 1.59 -21.39 -7.63
CA ASP A 245 0.19 -21.61 -7.90
C ASP A 245 -0.62 -20.32 -7.92
N ARG A 246 0.03 -19.21 -7.56
CA ARG A 246 -0.66 -17.91 -7.52
C ARG A 246 -0.73 -17.28 -8.90
N PRO A 247 -1.75 -16.44 -9.13
CA PRO A 247 -1.95 -15.79 -10.43
C PRO A 247 -0.89 -14.72 -10.63
N THR A 248 -0.55 -14.43 -11.88
CA THR A 248 0.22 -13.23 -12.21
C THR A 248 -0.71 -12.03 -12.13
N PHE A 249 -0.14 -10.82 -12.16
CA PHE A 249 -0.97 -9.61 -12.16
C PHE A 249 -1.88 -9.58 -13.36
N GLU A 250 -1.36 -10.01 -14.50
CA GLU A 250 -2.16 -10.08 -15.70
C GLU A 250 -3.35 -11.01 -15.48
N GLU A 251 -3.11 -12.16 -14.85
CA GLU A 251 -4.15 -13.16 -14.61
C GLU A 251 -5.22 -12.64 -13.64
N ILE A 252 -4.79 -11.91 -12.62
CA ILE A 252 -5.75 -11.31 -11.68
C ILE A 252 -6.66 -10.35 -12.45
N GLN A 253 -6.06 -9.46 -13.24
CA GLN A 253 -6.83 -8.45 -13.94
C GLN A 253 -7.69 -9.00 -15.09
N ASN A 254 -7.36 -10.20 -15.57
CA ASN A 254 -8.22 -10.85 -16.55
C ASN A 254 -9.24 -11.81 -15.91
N HIS A 255 -9.24 -11.91 -14.59
CA HIS A 255 -10.18 -12.81 -13.91
C HIS A 255 -11.62 -12.30 -14.14
N PRO A 256 -12.59 -13.22 -14.26
CA PRO A 256 -13.98 -12.79 -14.50
C PRO A 256 -14.52 -11.79 -13.45
N TRP A 257 -14.12 -11.93 -12.20
CA TRP A 257 -14.60 -11.00 -11.17
C TRP A 257 -14.14 -9.56 -11.40
N MET A 258 -13.08 -9.39 -12.17
CA MET A 258 -12.45 -8.12 -12.35
C MET A 258 -12.97 -7.36 -13.56
N GLN A 259 -13.93 -7.91 -14.26
CA GLN A 259 -14.39 -7.28 -15.50
C GLN A 259 -15.34 -6.10 -15.24
N ASP A 260 -15.39 -5.16 -16.18
CA ASP A 260 -16.28 -4.00 -16.12
C ASP A 260 -16.09 -3.10 -14.89
N VAL A 261 -14.85 -2.85 -14.51
CA VAL A 261 -14.59 -1.98 -13.38
C VAL A 261 -15.14 -0.57 -13.62
N LEU A 262 -15.61 0.07 -12.56
CA LEU A 262 -16.05 1.47 -12.63
C LEU A 262 -14.84 2.38 -12.71
N LEU A 263 -14.99 3.51 -13.40
CA LEU A 263 -13.97 4.56 -13.35
C LEU A 263 -13.95 5.14 -11.93
N PRO A 264 -12.81 5.70 -11.52
CA PRO A 264 -12.74 6.28 -10.17
C PRO A 264 -13.86 7.29 -9.90
N GLN A 265 -14.10 8.20 -10.84
CA GLN A 265 -15.14 9.22 -10.61
C GLN A 265 -16.55 8.63 -10.49
N GLU A 266 -16.83 7.57 -11.26
CA GLU A 266 -18.12 6.88 -11.16
C GLU A 266 -18.22 6.25 -9.78
N THR A 267 -17.08 5.76 -9.30
CA THR A 267 -17.01 5.09 -8.02
C THR A 267 -17.35 6.06 -6.91
N ALA A 268 -16.81 7.27 -6.98
CA ALA A 268 -17.06 8.27 -5.95
C ALA A 268 -18.53 8.69 -5.98
N GLU A 269 -19.05 8.92 -7.17
CA GLU A 269 -20.43 9.36 -7.33
C GLU A 269 -21.44 8.36 -6.76
N ILE A 270 -21.20 7.08 -6.98
CA ILE A 270 -22.11 6.04 -6.53
C ILE A 270 -21.93 5.67 -5.05
N HIS A 271 -20.68 5.63 -4.60
CA HIS A 271 -20.35 5.02 -3.30
C HIS A 271 -19.78 5.97 -2.23
N LEU A 272 -19.17 7.06 -2.64
CA LEU A 272 -18.52 7.94 -1.70
C LEU A 272 -19.19 9.29 -1.45
N HIS A 273 -19.85 9.86 -2.45
CA HIS A 273 -20.47 11.18 -2.31
C HIS A 273 -21.67 11.15 -1.38
N SER A 274 -21.46 11.66 -0.18
CA SER A 274 -22.47 11.67 0.85
C SER A 274 -21.94 12.40 2.09
C1 1OA B . -3.24 9.04 6.68
C2 1OA B . -4.58 9.22 7.02
C3 1OA B . -5.25 10.34 6.54
C4 1OA B . -4.59 11.28 5.75
C5 1OA B . -3.26 11.10 5.42
C6 1OA B . -2.58 9.99 5.91
N7 1OA B . -1.25 9.71 5.59
C8 1OA B . -0.46 10.35 4.68
O9 1OA B . -0.81 11.31 4.01
C10 1OA B . 0.84 9.75 4.50
C11 1OA B . 1.79 10.04 3.50
N12 1OA B . 2.81 9.23 3.67
N13 1OA B . 2.56 8.36 4.73
C14 1OA B . 1.32 8.66 5.25
N15 1OA B . 0.82 7.97 6.28
C16 1OA B . 1.51 6.97 6.83
C17 1OA B . 2.77 6.63 6.32
C18 1OA B . 3.29 7.34 5.27
O19 1OA B . 4.49 7.02 4.76
C20 1OA B . 0.97 6.14 7.96
C21 1OA B . -0.24 6.79 8.64
C22 1OA B . -0.77 5.80 9.68
N23 1OA B . -1.29 4.60 8.99
C24 1OA B . -0.20 3.88 8.32
C25 1OA B . 0.52 4.81 7.32
F26 1OA B . -6.55 10.53 6.85
P PO4 C . -24.40 -18.52 -6.19
O1 PO4 C . -24.25 -17.21 -6.95
O2 PO4 C . -23.00 -19.07 -6.00
O3 PO4 C . -25.25 -19.47 -7.01
O4 PO4 C . -25.08 -18.27 -4.87
#